data_7ZVH
#
_entry.id   7ZVH
#
_cell.length_a   46.712
_cell.length_b   46.712
_cell.length_c   42.176
_cell.angle_alpha   90.000
_cell.angle_beta   90.000
_cell.angle_gamma   120.000
#
_symmetry.space_group_name_H-M   'P 32 2 1'
#
loop_
_entity.id
_entity.type
_entity.pdbx_description
1 polymer 'Antifungal protein'
2 non-polymer 'CHLORIDE ION'
3 water water
#
_entity_poly.entity_id   1
_entity_poly.type   'polypeptide(L)'
_entity_poly.pdbx_seq_one_letter_code
;LSKYGGECSKEHNTCTYRKDGKDHIVKCPSADNKKCEKDKNKCEYDDHHKTVDCQTPV
;
_entity_poly.pdbx_strand_id   A
#
loop_
_chem_comp.id
_chem_comp.type
_chem_comp.name
_chem_comp.formula
CL non-polymer 'CHLORIDE ION' 'Cl -1'
#
# COMPACT_ATOMS: atom_id res chain seq x y z
N SER A 2 -10.74 -9.81 1.83
CA SER A 2 -10.31 -8.87 2.92
C SER A 2 -9.00 -8.10 2.64
N LYS A 3 -8.24 -8.51 1.62
CA LYS A 3 -7.07 -7.78 1.15
C LYS A 3 -7.43 -7.01 -0.11
N TYR A 4 -6.99 -5.75 -0.18
CA TYR A 4 -7.32 -4.85 -1.27
C TYR A 4 -6.03 -4.29 -1.85
N GLY A 5 -5.82 -4.51 -3.14
CA GLY A 5 -4.57 -4.17 -3.77
C GLY A 5 -4.56 -2.79 -4.38
N GLY A 6 -3.35 -2.26 -4.51
CA GLY A 6 -3.16 -0.98 -5.13
C GLY A 6 -1.74 -0.78 -5.54
N GLU A 7 -1.39 0.48 -5.76
CA GLU A 7 -0.03 0.89 -6.11
C GLU A 7 0.39 2.00 -5.20
N CYS A 8 1.69 2.08 -4.95
CA CYS A 8 2.19 3.09 -4.03
C CYS A 8 2.92 4.23 -4.73
N SER A 9 2.97 5.36 -4.02
CA SER A 9 3.74 6.54 -4.41
C SER A 9 4.99 6.64 -3.57
N LYS A 10 6.15 6.64 -4.22
CA LYS A 10 7.40 6.77 -3.49
C LYS A 10 7.51 8.16 -2.84
N GLU A 11 7.21 9.20 -3.61
CA GLU A 11 7.30 10.58 -3.11
C GLU A 11 6.44 10.83 -1.88
N HIS A 12 5.21 10.31 -1.88
CA HIS A 12 4.27 10.58 -0.79
C HIS A 12 4.21 9.47 0.25
N ASN A 13 4.87 8.35 -0.04
CA ASN A 13 4.77 7.14 0.77
C ASN A 13 3.32 6.77 1.12
N THR A 14 2.51 6.65 0.06
CA THR A 14 1.10 6.30 0.18
C THR A 14 0.80 5.08 -0.70
N CYS A 15 -0.30 4.42 -0.34
CA CYS A 15 -0.90 3.33 -1.09
C CYS A 15 -2.29 3.77 -1.54
N THR A 16 -2.56 3.69 -2.84
CA THR A 16 -3.90 3.93 -3.36
C THR A 16 -4.49 2.59 -3.74
N TYR A 17 -5.50 2.14 -3.01
CA TYR A 17 -6.09 0.82 -3.20
C TYR A 17 -7.53 0.93 -3.61
N ARG A 18 -7.99 -0.08 -4.33
CA ARG A 18 -9.37 -0.19 -4.80
C ARG A 18 -10.20 -1.05 -3.84
N LYS A 19 -11.29 -0.52 -3.33
CA LYS A 19 -12.17 -1.28 -2.41
C LYS A 19 -13.58 -0.80 -2.65
N ASP A 20 -14.47 -1.75 -2.91
CA ASP A 20 -15.91 -1.49 -3.10
C ASP A 20 -16.18 -0.34 -4.10
N GLY A 21 -15.48 -0.43 -5.23
CA GLY A 21 -15.67 0.47 -6.34
C GLY A 21 -14.99 1.83 -6.27
N LYS A 22 -14.25 2.10 -5.18
CA LYS A 22 -13.63 3.39 -4.96
C LYS A 22 -12.14 3.25 -4.69
N ASP A 23 -11.38 4.28 -5.03
CA ASP A 23 -9.98 4.36 -4.65
C ASP A 23 -9.84 5.08 -3.32
N HIS A 24 -8.98 4.52 -2.47
CA HIS A 24 -8.70 5.07 -1.14
C HIS A 24 -7.18 5.27 -1.00
N ILE A 25 -6.74 6.41 -0.49
CA ILE A 25 -5.31 6.67 -0.29
C ILE A 25 -4.99 6.63 1.18
N VAL A 26 -4.05 5.76 1.56
CA VAL A 26 -3.59 5.67 2.95
CA VAL A 26 -3.63 5.62 2.94
C VAL A 26 -2.09 5.76 2.99
N LYS A 27 -1.54 6.34 4.05
CA LYS A 27 -0.08 6.30 4.22
C LYS A 27 0.40 4.84 4.34
N CYS A 28 1.52 4.57 3.68
CA CYS A 28 2.29 3.37 3.94
C CYS A 28 2.95 3.48 5.31
N PRO A 29 3.37 2.35 5.90
CA PRO A 29 4.24 2.46 7.07
C PRO A 29 5.56 3.15 6.74
N SER A 30 6.20 3.66 7.79
CA SER A 30 7.56 4.16 7.67
C SER A 30 8.62 3.06 7.83
N ALA A 31 8.18 1.87 8.19
CA ALA A 31 9.07 0.73 8.41
C ALA A 31 9.89 0.39 7.16
N ASP A 32 11.13 0.02 7.39
CA ASP A 32 12.09 -0.21 6.30
C ASP A 32 11.58 -1.13 5.19
N ASN A 33 10.98 -2.24 5.59
CA ASN A 33 10.57 -3.27 4.64
C ASN A 33 9.05 -3.32 4.42
N LYS A 34 8.39 -2.17 4.66
CA LYS A 34 6.98 -1.95 4.34
CA LYS A 34 6.99 -1.98 4.27
C LYS A 34 6.69 -0.63 3.61
N LYS A 35 7.61 0.34 3.68
CA LYS A 35 7.42 1.63 3.00
CA LYS A 35 7.40 1.62 3.00
C LYS A 35 7.46 1.47 1.48
N CYS A 36 6.96 2.49 0.77
CA CYS A 36 7.03 2.49 -0.69
C CYS A 36 8.46 2.83 -1.12
N GLU A 37 9.17 1.80 -1.55
CA GLU A 37 10.59 1.91 -1.85
C GLU A 37 10.75 2.13 -3.33
N LYS A 38 9.85 1.54 -4.10
CA LYS A 38 9.90 1.68 -5.54
C LYS A 38 8.58 2.28 -6.01
N ASP A 39 8.68 3.37 -6.74
CA ASP A 39 7.45 4.02 -7.26
C ASP A 39 6.52 3.08 -8.11
N LYS A 40 5.23 3.11 -7.81
CA LYS A 40 4.19 2.32 -8.47
C LYS A 40 4.21 0.77 -8.13
N ASN A 41 4.98 0.42 -7.11
N ASN A 41 4.95 0.42 -7.11
CA ASN A 41 5.03 -0.95 -6.59
CA ASN A 41 4.95 -0.96 -6.63
C ASN A 41 3.67 -1.37 -6.03
C ASN A 41 3.64 -1.37 -6.04
N LYS A 42 3.38 -2.66 -6.09
CA LYS A 42 2.18 -3.20 -5.48
CA LYS A 42 2.18 -3.21 -5.48
C LYS A 42 2.15 -2.95 -3.97
N CYS A 43 0.99 -2.52 -3.51
CA CYS A 43 0.72 -2.40 -2.09
C CYS A 43 -0.64 -3.04 -1.78
N GLU A 44 -0.87 -3.30 -0.51
CA GLU A 44 -2.13 -3.87 -0.07
C GLU A 44 -2.59 -3.29 1.27
N TYR A 45 -3.89 -3.06 1.37
CA TYR A 45 -4.56 -2.80 2.64
C TYR A 45 -5.32 -4.07 3.04
N ASP A 46 -4.97 -4.59 4.21
CA ASP A 46 -5.60 -5.78 4.76
C ASP A 46 -6.63 -5.32 5.78
N ASP A 47 -7.90 -5.44 5.41
CA ASP A 47 -9.02 -4.94 6.20
C ASP A 47 -9.38 -5.90 7.34
N HIS A 48 -8.84 -7.11 7.33
CA HIS A 48 -9.03 -8.01 8.44
C HIS A 48 -8.03 -7.73 9.56
N HIS A 49 -6.76 -7.69 9.21
CA HIS A 49 -5.70 -7.41 10.16
C HIS A 49 -5.44 -5.92 10.41
N LYS A 50 -6.05 -5.07 9.60
CA LYS A 50 -5.96 -3.60 9.73
C LYS A 50 -4.52 -3.12 9.53
N THR A 51 -3.93 -3.53 8.42
CA THR A 51 -2.53 -3.23 8.13
C THR A 51 -2.36 -2.76 6.69
N VAL A 52 -1.28 -2.02 6.44
CA VAL A 52 -0.86 -1.61 5.10
C VAL A 52 0.57 -2.10 4.86
N ASP A 53 0.86 -2.54 3.64
CA ASP A 53 2.23 -2.89 3.27
C ASP A 53 2.42 -2.41 1.84
N CYS A 54 3.47 -1.60 1.62
CA CYS A 54 3.81 -1.08 0.30
C CYS A 54 4.99 -1.82 -0.33
N GLN A 55 5.33 -2.98 0.23
CA GLN A 55 6.26 -3.96 -0.35
C GLN A 55 5.58 -5.33 -0.33
N THR A 56 4.42 -5.41 -0.98
CA THR A 56 3.67 -6.65 -1.06
C THR A 56 4.52 -7.68 -1.80
N PRO A 57 4.60 -8.93 -1.29
CA PRO A 57 5.41 -9.94 -1.88
C PRO A 57 5.02 -10.14 -3.32
N VAL A 58 6.03 -10.25 -4.16
CA VAL A 58 5.84 -10.42 -5.60
C VAL A 58 6.72 -11.57 -6.00
CL CL B . -13.47 6.83 -6.33
CL CL C . -0.04 -0.40 9.02
#